data_7CAO
#
_entry.id   7CAO
#
_cell.length_a   116.476
_cell.length_b   116.476
_cell.length_c   161.444
_cell.angle_alpha   90.000
_cell.angle_beta   90.000
_cell.angle_gamma   90.000
#
_symmetry.space_group_name_H-M   'I 41 2 2'
#
loop_
_entity.id
_entity.type
_entity.pdbx_description
1 polymer Chromoprotein
2 water water
#
_entity_poly.entity_id   1
_entity_poly.type   'polypeptide(L)'
_entity_poly.pdbx_seq_one_letter_code
;MRGSHHHHHHGMASMTGGQQMGRDLYDDDDKDPSSMALFAKPMNHKTEITGEFNGKCFKVVGHGSAPGGGDFRMHAYCES
GTLPVSWCVLSPSI(QYG)FSMFTKYPNGITNFFQEAFPEGYTLDRVMTRENGGSVVSHHSYDLGKDGITAKVSVKGEGF
DPNGPTMTKGYLKVLPFVCHLYPHGAGVRMTSSVGMVKTDGSLDIFNVDSNYQPVGSRKVSVPKFHFVQHRIILMKDKSD
TRDHIVMREIAVAQDPNEAQSAFRIA
;
_entity_poly.pdbx_strand_id   A
#
# COMPACT_ATOMS: atom_id res chain seq x y z
N MET A 36 -3.06 -20.46 3.01
CA MET A 36 -1.62 -20.85 3.05
C MET A 36 -1.15 -20.84 4.50
N ALA A 37 -0.49 -21.93 4.91
CA ALA A 37 0.16 -22.08 6.22
C ALA A 37 1.32 -21.09 6.30
N LEU A 38 2.04 -20.83 5.20
CA LEU A 38 3.15 -19.83 5.15
C LEU A 38 2.68 -18.50 5.74
N PHE A 39 1.43 -18.08 5.46
CA PHE A 39 0.87 -16.79 5.92
C PHE A 39 0.52 -16.88 7.41
N ALA A 40 0.55 -18.06 8.03
CA ALA A 40 0.25 -18.29 9.46
C ALA A 40 1.47 -17.99 10.35
N LYS A 41 2.68 -17.91 9.81
CA LYS A 41 3.86 -17.66 10.67
C LYS A 41 4.43 -16.29 10.31
N PRO A 42 5.26 -15.68 11.16
CA PRO A 42 6.04 -14.51 10.72
C PRO A 42 6.67 -14.69 9.32
N MET A 43 6.87 -13.60 8.57
CA MET A 43 7.45 -13.62 7.19
C MET A 43 8.25 -12.34 6.98
N ASN A 44 9.39 -12.45 6.30
CA ASN A 44 10.14 -11.28 5.79
C ASN A 44 9.54 -10.81 4.46
N HIS A 45 9.79 -9.56 4.11
CA HIS A 45 9.34 -9.03 2.81
C HIS A 45 10.39 -8.03 2.42
N LYS A 46 10.59 -7.86 1.12
CA LYS A 46 11.44 -6.79 0.59
C LYS A 46 10.86 -6.29 -0.74
N THR A 47 11.38 -5.15 -1.18
CA THR A 47 10.83 -4.44 -2.31
C THR A 47 11.99 -3.77 -2.99
N GLU A 48 11.87 -3.62 -4.31
CA GLU A 48 12.59 -2.63 -5.11
C GLU A 48 11.57 -1.78 -5.84
N ILE A 49 11.77 -0.48 -5.80
CA ILE A 49 10.82 0.50 -6.36
C ILE A 49 11.64 1.35 -7.26
N THR A 50 11.27 1.38 -8.53
CA THR A 50 11.86 2.23 -9.53
C THR A 50 10.82 3.27 -9.90
N GLY A 51 11.21 4.51 -9.95
CA GLY A 51 10.27 5.62 -10.00
C GLY A 51 10.82 6.81 -10.72
N GLU A 52 9.90 7.69 -11.07
CA GLU A 52 10.20 8.98 -11.67
C GLU A 52 9.03 9.88 -11.38
N PHE A 53 9.30 11.06 -10.81
CA PHE A 53 8.26 12.07 -10.57
C PHE A 53 8.80 13.29 -11.26
N ASN A 54 8.04 13.85 -12.20
CA ASN A 54 8.38 15.07 -12.94
C ASN A 54 9.72 14.83 -13.62
N GLY A 55 9.99 13.60 -14.01
CA GLY A 55 11.28 13.32 -14.65
C GLY A 55 12.41 13.05 -13.66
N LYS A 56 12.24 13.16 -12.34
CA LYS A 56 13.38 12.88 -11.40
C LYS A 56 13.31 11.41 -11.03
N CYS A 57 14.32 10.66 -11.40
CA CYS A 57 14.46 9.21 -11.22
C CYS A 57 14.92 8.87 -9.83
N PHE A 58 14.57 7.68 -9.36
CA PHE A 58 15.05 7.18 -8.06
C PHE A 58 14.79 5.72 -8.03
N LYS A 59 15.49 5.09 -7.11
CA LYS A 59 15.40 3.65 -6.77
C LYS A 59 15.28 3.59 -5.24
N VAL A 60 14.32 2.82 -4.74
CA VAL A 60 14.14 2.62 -3.29
C VAL A 60 14.14 1.13 -3.07
N VAL A 61 14.92 0.71 -2.08
CA VAL A 61 14.98 -0.68 -1.57
C VAL A 61 14.50 -0.70 -0.12
N GLY A 62 13.81 -1.76 0.25
CA GLY A 62 13.37 -1.94 1.64
C GLY A 62 13.32 -3.41 2.04
N HIS A 63 13.41 -3.66 3.35
CA HIS A 63 13.32 -4.98 4.03
C HIS A 63 12.37 -4.76 5.17
N GLY A 64 11.51 -5.72 5.48
CA GLY A 64 10.67 -5.60 6.67
C GLY A 64 10.23 -6.95 7.12
N SER A 65 9.36 -6.98 8.09
CA SER A 65 8.71 -8.26 8.43
C SER A 65 7.26 -7.99 8.72
N ALA A 66 6.56 -9.09 8.73
CA ALA A 66 5.12 -9.24 8.85
C ALA A 66 5.02 -10.26 9.95
N PRO A 67 5.14 -9.82 11.22
CA PRO A 67 5.02 -10.75 12.35
C PRO A 67 3.63 -11.37 12.44
N GLY A 68 2.59 -10.75 11.86
CA GLY A 68 1.19 -11.23 11.95
C GLY A 68 0.25 -10.16 12.53
N GLY A 69 -1.05 -10.46 12.54
CA GLY A 69 -2.17 -9.62 13.04
C GLY A 69 -2.31 -8.28 12.32
N GLY A 70 -1.81 -8.13 11.09
CA GLY A 70 -2.17 -7.00 10.22
C GLY A 70 -1.23 -5.86 10.47
N ASP A 71 -0.13 -6.12 11.19
CA ASP A 71 0.86 -5.09 11.60
C ASP A 71 2.17 -5.44 10.94
N PHE A 72 2.67 -4.61 10.02
CA PHE A 72 3.87 -4.97 9.23
C PHE A 72 4.66 -3.71 8.95
N ARG A 73 5.98 -3.87 9.03
CA ARG A 73 6.90 -2.72 8.95
C ARG A 73 7.93 -2.94 7.83
N MET A 74 8.42 -1.84 7.28
CA MET A 74 9.44 -1.83 6.23
C MET A 74 10.39 -0.68 6.52
N HIS A 75 11.67 -0.97 6.41
CA HIS A 75 12.72 0.07 6.46
C HIS A 75 13.13 0.26 4.99
N ALA A 76 12.91 1.42 4.40
CA ALA A 76 13.26 1.63 2.98
C ALA A 76 14.23 2.79 2.91
N TYR A 77 15.19 2.70 2.00
CA TYR A 77 16.09 3.81 1.72
C TYR A 77 16.13 4.04 0.22
N CYS A 78 16.53 5.24 -0.13
CA CYS A 78 16.69 5.65 -1.52
C CYS A 78 18.10 5.25 -1.95
N GLU A 79 18.26 4.17 -2.67
CA GLU A 79 19.59 3.70 -3.09
C GLU A 79 20.22 4.70 -4.04
N SER A 80 19.44 5.53 -4.72
CA SER A 80 19.95 6.49 -5.73
C SER A 80 20.45 7.80 -5.09
N GLY A 81 20.32 8.01 -3.77
CA GLY A 81 20.73 9.27 -3.12
C GLY A 81 19.55 9.88 -2.37
N THR A 82 19.23 11.13 -2.64
CA THR A 82 18.08 11.86 -2.05
C THR A 82 16.78 11.50 -2.78
N LEU A 83 15.74 11.14 -2.04
CA LEU A 83 14.42 10.92 -2.66
C LEU A 83 13.87 12.27 -3.09
N PRO A 84 13.47 12.43 -4.40
CA PRO A 84 13.00 13.73 -4.90
C PRO A 84 11.56 14.05 -4.48
N VAL A 85 10.87 13.15 -3.77
CA VAL A 85 9.46 13.40 -3.37
C VAL A 85 9.26 13.09 -1.90
N SER A 86 8.11 13.54 -1.40
CA SER A 86 7.54 13.21 -0.09
C SER A 86 7.52 11.71 0.08
N TRP A 87 8.01 11.23 1.22
CA TRP A 87 7.87 9.79 1.57
C TRP A 87 6.40 9.46 1.78
N CYS A 88 5.57 10.41 2.18
CA CYS A 88 4.13 10.16 2.36
C CYS A 88 3.48 9.74 0.98
N VAL A 89 3.82 10.43 -0.08
CA VAL A 89 3.22 10.22 -1.45
C VAL A 89 3.79 8.91 -2.01
N LEU A 90 5.02 8.58 -1.64
CA LEU A 90 5.62 7.30 -2.06
C LEU A 90 5.04 6.15 -1.26
N SER A 91 4.43 6.42 -0.11
CA SER A 91 4.23 5.31 0.87
C SER A 91 3.32 4.20 0.33
N PRO A 92 2.27 4.49 -0.49
CA PRO A 92 1.45 3.41 -1.02
C PRO A 92 2.22 2.45 -1.97
N SER A 93 3.25 2.94 -2.58
CA SER A 93 4.16 2.12 -3.44
C SER A 93 5.16 1.29 -2.58
N ILE A 94 5.30 1.60 -1.29
CA ILE A 94 6.26 0.90 -0.38
C ILE A 94 5.51 -0.27 0.20
C3 QYG A 95 1.28 -3.46 0.20
O3 QYG A 95 0.74 -3.41 1.36
CA3 QYG A 95 1.60 -2.32 -0.81
N3 QYG A 95 1.21 -1.18 -0.08
C1 QYG A 95 1.91 -0.63 0.97
CA1 QYG A 95 3.28 -1.02 1.37
CB1 QYG A 95 3.43 -1.16 2.90
CG1 QYG A 95 4.77 -1.71 3.33
CD3 QYG A 95 4.92 -2.11 4.82
N1 QYG A 95 4.24 0.01 0.88
C2 QYG A 95 0.04 -0.58 -0.18
O2 QYG A 95 -0.80 -0.90 -1.08
CA2 QYG A 95 0.04 0.50 0.82
N2 QYG A 95 1.23 0.42 1.49
CB2 QYG A 95 -0.85 1.56 1.31
CG2 QYG A 95 -2.13 1.85 0.71
CD2 QYG A 95 -2.63 3.17 0.50
CE2 QYG A 95 -3.93 3.24 -0.15
CZ QYG A 95 -4.68 2.07 -0.52
OH QYG A 95 -5.91 2.19 -1.10
CE1 QYG A 95 -4.18 0.77 -0.26
CD1 QYG A 95 -2.91 0.69 0.39
NE1 QYG A 95 4.17 -1.50 5.70
OE1 QYG A 95 5.67 -3.01 5.21
N PHE A 96 1.79 -4.76 -0.31
CA PHE A 96 1.73 -6.03 0.51
C PHE A 96 0.41 -6.24 1.24
N SER A 97 -0.70 -6.15 0.52
CA SER A 97 -2.03 -6.36 1.11
C SER A 97 -2.23 -7.83 1.51
N MET A 98 -1.29 -8.71 1.18
CA MET A 98 -1.37 -10.12 1.67
C MET A 98 -1.11 -10.13 3.19
N PHE A 99 -0.64 -9.05 3.79
CA PHE A 99 -0.39 -8.99 5.27
C PHE A 99 -1.56 -8.35 6.02
N THR A 100 -2.61 -7.99 5.29
CA THR A 100 -3.86 -7.49 5.90
C THR A 100 -4.47 -8.56 6.81
N LYS A 101 -4.91 -8.20 8.00
CA LYS A 101 -5.57 -9.15 8.90
C LYS A 101 -7.01 -9.30 8.44
N TYR A 102 -7.45 -10.53 8.25
CA TYR A 102 -8.81 -10.88 7.79
C TYR A 102 -9.51 -11.62 8.92
N PRO A 103 -10.79 -11.32 9.21
CA PRO A 103 -11.57 -12.15 10.12
C PRO A 103 -12.00 -13.39 9.33
N ASN A 104 -12.23 -14.50 10.00
CA ASN A 104 -12.86 -15.70 9.37
C ASN A 104 -14.21 -15.24 8.89
N GLY A 105 -14.67 -15.75 7.77
CA GLY A 105 -15.98 -15.33 7.22
C GLY A 105 -15.80 -14.37 6.07
N ILE A 106 -14.60 -13.83 5.82
CA ILE A 106 -14.35 -13.11 4.55
C ILE A 106 -13.10 -13.71 3.91
N THR A 107 -13.13 -14.09 2.64
CA THR A 107 -11.92 -14.57 1.92
C THR A 107 -10.90 -13.44 1.80
N ASN A 108 -9.64 -13.79 2.05
CA ASN A 108 -8.45 -12.95 1.86
C ASN A 108 -7.94 -13.27 0.47
N PHE A 109 -8.44 -12.53 -0.54
CA PHE A 109 -8.00 -12.66 -1.94
C PHE A 109 -6.49 -12.60 -2.03
N PHE A 110 -5.89 -11.68 -1.26
CA PHE A 110 -4.46 -11.36 -1.35
C PHE A 110 -3.59 -12.59 -1.01
N GLN A 111 -4.01 -13.38 -0.03
CA GLN A 111 -3.29 -14.62 0.39
C GLN A 111 -3.70 -15.78 -0.51
N GLU A 112 -4.98 -15.92 -0.79
CA GLU A 112 -5.53 -17.04 -1.57
C GLU A 112 -4.94 -17.04 -2.97
N ALA A 113 -4.38 -15.95 -3.47
CA ALA A 113 -3.90 -15.92 -4.86
C ALA A 113 -2.53 -16.63 -4.96
N PHE A 114 -1.90 -16.83 -3.81
CA PHE A 114 -0.60 -17.48 -3.71
C PHE A 114 -0.85 -18.99 -3.75
N PRO A 115 0.10 -19.78 -4.26
CA PRO A 115 1.47 -19.32 -4.51
C PRO A 115 1.79 -18.52 -5.77
N GLU A 116 0.91 -18.55 -6.78
CA GLU A 116 1.12 -17.82 -8.05
C GLU A 116 1.15 -16.31 -7.79
N GLY A 117 0.30 -15.77 -6.93
CA GLY A 117 0.35 -14.34 -6.58
C GLY A 117 -0.67 -13.51 -7.34
N TYR A 118 -0.57 -12.19 -7.20
CA TYR A 118 -1.47 -11.21 -7.85
C TYR A 118 -0.64 -10.02 -8.29
N THR A 119 -1.20 -9.26 -9.20
CA THR A 119 -0.64 -7.98 -9.61
C THR A 119 -1.51 -6.89 -9.01
N LEU A 120 -0.90 -5.72 -8.86
CA LEU A 120 -1.59 -4.48 -8.46
C LEU A 120 -1.31 -3.46 -9.54
N ASP A 121 -2.39 -2.91 -10.10
CA ASP A 121 -2.38 -1.79 -11.06
C ASP A 121 -3.07 -0.63 -10.36
N ARG A 122 -2.41 0.50 -10.21
CA ARG A 122 -2.98 1.56 -9.39
C ARG A 122 -2.86 2.89 -10.08
N VAL A 123 -3.91 3.67 -9.90
CA VAL A 123 -3.91 5.10 -10.28
C VAL A 123 -4.22 5.88 -9.01
N MET A 124 -3.37 6.82 -8.66
CA MET A 124 -3.59 7.73 -7.52
C MET A 124 -3.56 9.15 -8.04
N THR A 125 -4.60 9.88 -7.71
CA THR A 125 -4.81 11.24 -8.23
C THR A 125 -4.94 12.17 -7.07
N ARG A 126 -4.11 13.18 -7.06
CA ARG A 126 -4.24 14.21 -6.04
C ARG A 126 -5.32 15.18 -6.47
N GLU A 127 -6.32 15.43 -5.65
CA GLU A 127 -7.41 16.31 -6.09
C GLU A 127 -6.87 17.67 -6.53
N ASN A 128 -5.93 18.25 -5.83
CA ASN A 128 -5.43 19.59 -6.26
C ASN A 128 -4.44 19.54 -7.46
N GLY A 129 -4.25 18.39 -8.13
CA GLY A 129 -3.32 18.24 -9.28
C GLY A 129 -2.22 17.26 -9.01
N GLY A 130 -1.97 16.32 -9.92
CA GLY A 130 -0.88 15.34 -9.83
C GLY A 130 -1.39 13.93 -9.91
N SER A 131 -0.78 13.11 -10.76
CA SER A 131 -1.21 11.73 -10.96
C SER A 131 0.00 10.83 -10.74
N VAL A 132 -0.27 9.69 -10.16
CA VAL A 132 0.76 8.67 -9.90
C VAL A 132 0.21 7.35 -10.36
N VAL A 133 0.93 6.69 -11.26
CA VAL A 133 0.50 5.35 -11.70
C VAL A 133 1.56 4.35 -11.31
N SER A 134 1.14 3.17 -10.96
CA SER A 134 2.09 2.22 -10.45
C SER A 134 1.60 0.82 -10.75
N HIS A 135 2.58 -0.08 -10.74
CA HIS A 135 2.35 -1.51 -10.95
C HIS A 135 3.21 -2.23 -9.94
N HIS A 136 2.66 -3.24 -9.29
CA HIS A 136 3.43 -4.06 -8.33
C HIS A 136 3.30 -5.51 -8.75
N SER A 137 4.38 -6.28 -8.69
CA SER A 137 4.24 -7.75 -8.73
C SER A 137 5.02 -8.36 -7.56
N TYR A 138 4.69 -9.61 -7.23
CA TYR A 138 5.11 -10.24 -5.96
C TYR A 138 5.70 -11.63 -6.23
N ASP A 139 6.69 -12.04 -5.49
CA ASP A 139 7.20 -13.44 -5.59
C ASP A 139 7.21 -14.01 -4.17
N LEU A 140 6.41 -15.03 -3.88
CA LEU A 140 6.52 -15.77 -2.60
C LEU A 140 7.61 -16.84 -2.72
N GLY A 141 8.72 -16.72 -2.00
CA GLY A 141 9.79 -17.73 -1.92
C GLY A 141 10.03 -18.22 -0.50
N LYS A 142 11.16 -18.92 -0.33
CA LYS A 142 11.65 -19.50 0.94
C LYS A 142 11.82 -18.36 1.96
N ASP A 143 12.41 -17.22 1.54
CA ASP A 143 12.78 -16.05 2.40
C ASP A 143 11.64 -14.99 2.46
N GLY A 144 10.38 -15.35 2.15
CA GLY A 144 9.18 -14.49 2.22
C GLY A 144 8.76 -13.89 0.87
N ILE A 145 8.30 -12.64 0.87
CA ILE A 145 7.69 -11.99 -0.33
C ILE A 145 8.67 -10.94 -0.79
N THR A 146 8.98 -10.98 -2.09
CA THR A 146 9.74 -9.95 -2.84
C THR A 146 8.77 -9.22 -3.76
N ALA A 147 8.80 -7.89 -3.75
CA ALA A 147 7.94 -7.06 -4.60
C ALA A 147 8.84 -6.37 -5.59
N LYS A 148 8.34 -6.20 -6.82
CA LYS A 148 8.93 -5.28 -7.79
C LYS A 148 7.84 -4.26 -8.18
N VAL A 149 8.18 -2.99 -8.08
CA VAL A 149 7.23 -1.87 -8.11
C VAL A 149 7.83 -0.86 -9.04
N SER A 150 7.03 -0.45 -10.06
CA SER A 150 7.39 0.72 -10.85
C SER A 150 6.36 1.80 -10.52
N VAL A 151 6.78 3.06 -10.56
CA VAL A 151 5.82 4.11 -10.23
C VAL A 151 6.25 5.32 -11.02
N LYS A 152 5.27 6.10 -11.49
CA LYS A 152 5.60 7.36 -12.15
C LYS A 152 4.55 8.39 -11.78
N GLY A 153 5.02 9.61 -11.66
CA GLY A 153 4.16 10.71 -11.25
C GLY A 153 4.41 11.87 -12.15
N GLU A 154 3.34 12.57 -12.47
CA GLU A 154 3.48 13.81 -13.24
C GLU A 154 2.38 14.74 -12.83
N GLY A 155 2.49 15.99 -13.23
CA GLY A 155 1.48 17.04 -12.99
C GLY A 155 1.67 17.66 -11.61
N PHE A 156 2.80 17.47 -10.94
CA PHE A 156 2.98 18.02 -9.56
C PHE A 156 3.66 19.38 -9.71
N ASP A 157 3.19 20.40 -9.03
CA ASP A 157 3.88 21.73 -8.97
C ASP A 157 5.28 21.54 -8.35
N PRO A 158 6.34 22.13 -8.95
CA PRO A 158 7.70 21.96 -8.44
C PRO A 158 7.88 22.54 -7.02
N ASN A 159 7.00 23.44 -6.59
CA ASN A 159 7.03 24.04 -5.23
C ASN A 159 5.91 23.47 -4.38
N GLY A 160 5.23 22.43 -4.82
CA GLY A 160 4.15 21.89 -3.97
C GLY A 160 4.70 20.90 -2.95
N PRO A 161 3.80 20.37 -2.09
CA PRO A 161 4.22 19.50 -1.00
C PRO A 161 4.77 18.17 -1.51
N THR A 162 4.32 17.68 -2.67
CA THR A 162 4.88 16.39 -3.14
C THR A 162 6.37 16.52 -3.48
N MET A 163 6.73 17.52 -4.28
CA MET A 163 8.11 17.63 -4.82
C MET A 163 9.01 18.30 -3.74
N THR A 164 8.48 18.93 -2.70
CA THR A 164 9.32 19.65 -1.70
C THR A 164 9.25 18.95 -0.35
N LYS A 165 8.77 17.73 -0.30
CA LYS A 165 8.55 17.01 0.95
C LYS A 165 7.80 17.87 1.96
N GLY A 166 6.58 18.34 1.65
CA GLY A 166 5.82 19.24 2.59
C GLY A 166 4.67 18.54 3.28
N TYR A 167 4.70 17.21 3.38
CA TYR A 167 3.68 16.39 4.06
C TYR A 167 4.25 15.83 5.37
N LEU A 168 3.43 15.85 6.42
CA LEU A 168 3.78 15.32 7.76
C LEU A 168 3.34 13.87 7.89
N LYS A 169 2.14 13.58 7.39
CA LYS A 169 1.50 12.25 7.58
C LYS A 169 0.30 12.03 6.68
N VAL A 170 -0.07 10.78 6.67
CA VAL A 170 -1.27 10.25 6.00
C VAL A 170 -2.30 10.03 7.08
N LEU A 171 -3.50 10.57 6.99
CA LEU A 171 -4.56 10.23 7.95
C LEU A 171 -4.97 8.77 7.79
N PRO A 172 -5.56 8.19 8.85
CA PRO A 172 -6.18 6.88 8.74
C PRO A 172 -7.22 6.87 7.59
N PHE A 173 -7.44 5.73 6.97
CA PHE A 173 -8.42 5.61 5.88
C PHE A 173 -9.09 4.25 5.86
N VAL A 174 -10.31 4.21 5.33
CA VAL A 174 -11.03 2.96 5.04
C VAL A 174 -11.17 2.82 3.52
N CYS A 175 -10.59 1.75 2.98
CA CYS A 175 -10.80 1.29 1.60
C CYS A 175 -12.11 0.52 1.49
N HIS A 176 -12.77 0.73 0.37
CA HIS A 176 -13.86 -0.12 -0.15
C HIS A 176 -13.27 -1.20 -1.05
N LEU A 177 -13.54 -2.46 -0.77
CA LEU A 177 -13.04 -3.54 -1.64
C LEU A 177 -14.25 -4.17 -2.36
N TYR A 178 -14.21 -4.11 -3.68
CA TYR A 178 -15.31 -4.59 -4.55
C TYR A 178 -14.82 -5.80 -5.36
N PRO A 179 -15.67 -6.83 -5.51
CA PRO A 179 -15.43 -7.89 -6.49
C PRO A 179 -15.15 -7.22 -7.83
N HIS A 180 -14.14 -7.68 -8.56
CA HIS A 180 -13.84 -7.12 -9.91
C HIS A 180 -13.37 -8.25 -10.85
N GLY A 181 -14.32 -8.95 -11.48
CA GLY A 181 -14.09 -10.19 -12.28
C GLY A 181 -13.38 -11.25 -11.47
N ALA A 182 -12.17 -11.62 -11.87
CA ALA A 182 -11.42 -12.70 -11.18
C ALA A 182 -10.64 -12.11 -10.00
N GLY A 183 -10.71 -10.78 -9.79
CA GLY A 183 -9.87 -10.17 -8.75
C GLY A 183 -10.68 -9.20 -7.93
N VAL A 184 -10.02 -8.14 -7.43
CA VAL A 184 -10.71 -7.14 -6.56
C VAL A 184 -10.21 -5.74 -6.92
N ARG A 185 -11.11 -4.80 -6.73
CA ARG A 185 -10.84 -3.35 -6.85
C ARG A 185 -11.01 -2.69 -5.48
N MET A 186 -10.00 -1.97 -5.02
CA MET A 186 -10.09 -1.17 -3.78
C MET A 186 -10.05 0.30 -4.16
N THR A 187 -10.96 1.09 -3.57
CA THR A 187 -10.91 2.57 -3.68
C THR A 187 -10.65 3.14 -2.29
N SER A 188 -9.95 4.29 -2.21
CA SER A 188 -9.93 5.10 -0.96
C SER A 188 -9.68 6.53 -1.37
N SER A 189 -10.08 7.44 -0.52
CA SER A 189 -9.78 8.88 -0.58
C SER A 189 -8.98 9.15 0.68
N VAL A 190 -7.66 9.37 0.58
CA VAL A 190 -6.79 9.58 1.77
C VAL A 190 -6.39 11.04 1.92
N GLY A 191 -6.34 11.51 3.16
CA GLY A 191 -5.93 12.89 3.47
C GLY A 191 -4.49 12.91 3.84
N MET A 192 -3.70 13.75 3.22
CA MET A 192 -2.27 13.88 3.56
C MET A 192 -2.10 15.29 4.15
N VAL A 193 -1.63 15.34 5.39
CA VAL A 193 -1.53 16.61 6.16
C VAL A 193 -0.21 17.29 5.77
N LYS A 194 -0.33 18.55 5.38
CA LYS A 194 0.82 19.42 5.09
C LYS A 194 1.44 19.94 6.40
N THR A 195 2.65 20.48 6.26
CA THR A 195 3.43 21.13 7.36
C THR A 195 2.52 22.09 8.12
N ASP A 196 1.77 22.93 7.42
CA ASP A 196 0.92 23.99 8.04
C ASP A 196 -0.36 23.41 8.63
N GLY A 197 -0.56 22.09 8.65
CA GLY A 197 -1.83 21.48 9.15
C GLY A 197 -2.99 21.47 8.15
N SER A 198 -2.97 22.16 7.02
CA SER A 198 -3.99 21.95 5.95
C SER A 198 -3.78 20.57 5.29
N LEU A 199 -4.73 20.09 4.51
CA LEU A 199 -4.60 18.71 3.96
C LEU A 199 -4.99 18.66 2.49
N ASP A 200 -4.37 17.75 1.75
CA ASP A 200 -4.69 17.43 0.35
C ASP A 200 -5.30 16.04 0.32
N ILE A 201 -6.35 15.86 -0.45
CA ILE A 201 -7.00 14.54 -0.65
C ILE A 201 -6.34 13.90 -1.87
N PHE A 202 -5.98 12.63 -1.76
CA PHE A 202 -5.55 11.77 -2.87
C PHE A 202 -6.57 10.64 -3.08
N ASN A 203 -7.03 10.39 -4.31
CA ASN A 203 -7.97 9.29 -4.64
C ASN A 203 -7.12 8.12 -5.16
N VAL A 204 -7.33 6.97 -4.58
CA VAL A 204 -6.54 5.74 -4.89
C VAL A 204 -7.50 4.75 -5.49
N ASP A 205 -7.17 4.22 -6.68
CA ASP A 205 -8.00 3.25 -7.44
C ASP A 205 -7.08 2.08 -7.82
N SER A 206 -7.27 0.94 -7.19
CA SER A 206 -6.30 -0.17 -7.19
C SER A 206 -6.99 -1.40 -7.76
N ASN A 207 -6.40 -2.02 -8.82
CA ASN A 207 -6.95 -3.27 -9.39
C ASN A 207 -6.00 -4.43 -9.08
N TYR A 208 -6.50 -5.41 -8.35
CA TYR A 208 -5.73 -6.60 -7.93
C TYR A 208 -6.26 -7.78 -8.74
N GLN A 209 -5.40 -8.44 -9.51
CA GLN A 209 -5.77 -9.56 -10.43
C GLN A 209 -4.85 -10.75 -10.20
N PRO A 210 -5.43 -11.95 -10.16
CA PRO A 210 -4.64 -13.16 -9.93
C PRO A 210 -3.64 -13.37 -11.08
N VAL A 211 -2.45 -13.91 -10.78
CA VAL A 211 -1.44 -14.31 -11.81
C VAL A 211 -1.77 -15.73 -12.30
N GLY A 212 -2.02 -16.66 -11.37
CA GLY A 212 -2.43 -18.06 -11.67
C GLY A 212 -3.65 -18.11 -12.57
N SER A 213 -3.86 -19.22 -13.31
CA SER A 213 -5.13 -19.54 -13.99
C SER A 213 -5.98 -20.42 -13.06
N ARG A 214 -5.38 -20.96 -11.98
CA ARG A 214 -6.09 -21.55 -10.81
C ARG A 214 -7.05 -20.49 -10.25
N LYS A 215 -8.36 -20.76 -10.38
CA LYS A 215 -9.51 -19.89 -10.03
C LYS A 215 -9.38 -19.54 -8.54
N VAL A 216 -9.24 -18.27 -8.21
CA VAL A 216 -9.09 -17.82 -6.80
C VAL A 216 -10.45 -17.35 -6.32
N SER A 217 -10.79 -17.64 -5.07
CA SER A 217 -12.06 -17.20 -4.44
C SER A 217 -12.08 -15.66 -4.39
N VAL A 218 -13.14 -15.05 -4.88
CA VAL A 218 -13.31 -13.58 -4.88
C VAL A 218 -14.24 -13.26 -3.73
N PRO A 219 -13.83 -12.41 -2.77
CA PRO A 219 -14.69 -12.10 -1.64
C PRO A 219 -15.91 -11.28 -2.04
N LYS A 220 -16.86 -11.19 -1.14
CA LYS A 220 -17.91 -10.15 -1.18
C LYS A 220 -17.32 -8.77 -0.80
N PHE A 221 -18.11 -7.74 -1.06
CA PHE A 221 -17.78 -6.34 -0.73
C PHE A 221 -17.47 -6.25 0.75
N HIS A 222 -16.41 -5.58 1.11
CA HIS A 222 -16.10 -5.30 2.52
C HIS A 222 -15.18 -4.07 2.59
N PHE A 223 -14.73 -3.72 3.81
CA PHE A 223 -13.90 -2.55 4.07
C PHE A 223 -12.55 -3.11 4.46
N VAL A 224 -11.52 -2.32 4.27
CA VAL A 224 -10.20 -2.56 4.92
C VAL A 224 -9.77 -1.25 5.55
N GLN A 225 -9.53 -1.26 6.85
CA GLN A 225 -9.11 -0.03 7.55
C GLN A 225 -7.60 -0.05 7.60
N HIS A 226 -7.00 1.09 7.38
CA HIS A 226 -5.53 1.28 7.37
C HIS A 226 -5.11 2.39 8.32
N ARG A 227 -3.91 2.23 8.85
CA ARG A 227 -3.16 3.30 9.48
C ARG A 227 -1.74 3.14 8.95
N ILE A 228 -1.09 4.26 8.71
CA ILE A 228 0.27 4.31 8.21
C ILE A 228 1.06 5.18 9.16
N ILE A 229 2.14 4.67 9.73
CA ILE A 229 3.07 5.48 10.54
C ILE A 229 4.42 5.51 9.86
N LEU A 230 4.96 6.69 9.68
CA LEU A 230 6.27 6.91 9.07
C LEU A 230 7.25 7.51 10.13
N MET A 231 8.48 6.97 10.19
CA MET A 231 9.53 7.40 11.15
C MET A 231 10.88 7.44 10.49
N LYS A 232 11.74 8.36 10.98
CA LYS A 232 13.18 8.47 10.61
C LYS A 232 13.99 7.74 11.71
N ASP A 233 14.70 6.69 11.37
CA ASP A 233 15.64 5.97 12.24
C ASP A 233 16.86 6.87 12.42
N LYS A 234 17.13 7.32 13.65
CA LYS A 234 18.28 8.22 13.97
C LYS A 234 19.60 7.54 13.60
N SER A 235 19.69 6.23 13.58
CA SER A 235 20.97 5.59 13.12
C SER A 235 21.15 5.65 11.61
N ASP A 236 20.11 5.87 10.81
CA ASP A 236 20.24 5.74 9.33
C ASP A 236 20.40 7.15 8.80
N THR A 237 21.60 7.49 8.37
CA THR A 237 21.94 8.81 7.77
C THR A 237 21.54 8.84 6.27
N ARG A 238 21.13 7.72 5.67
CA ARG A 238 20.62 7.74 4.25
C ARG A 238 19.24 8.40 4.23
N ASP A 239 18.79 8.87 3.06
CA ASP A 239 17.38 9.32 2.91
C ASP A 239 16.58 8.04 2.97
N HIS A 240 15.72 7.93 3.97
CA HIS A 240 15.10 6.64 4.31
C HIS A 240 13.77 6.89 5.01
N ILE A 241 13.00 5.82 5.16
CA ILE A 241 11.78 5.91 5.97
C ILE A 241 11.65 4.55 6.59
N VAL A 242 11.11 4.57 7.78
CA VAL A 242 10.56 3.34 8.39
C VAL A 242 9.06 3.49 8.37
N MET A 243 8.41 2.51 7.79
CA MET A 243 6.98 2.59 7.56
C MET A 243 6.38 1.47 8.35
N ARG A 244 5.39 1.79 9.13
CA ARG A 244 4.62 0.77 9.82
C ARG A 244 3.18 0.92 9.41
N GLU A 245 2.58 -0.21 9.11
CA GLU A 245 1.20 -0.20 8.64
C GLU A 245 0.37 -1.16 9.45
N ILE A 246 -0.87 -0.78 9.72
CA ILE A 246 -1.92 -1.67 10.25
C ILE A 246 -3.05 -1.72 9.25
N ALA A 247 -3.42 -2.91 8.82
CA ALA A 247 -4.50 -3.08 7.82
C ALA A 247 -5.37 -4.21 8.32
N VAL A 248 -6.65 -3.94 8.49
CA VAL A 248 -7.60 -4.96 9.00
C VAL A 248 -8.87 -4.89 8.18
N ALA A 249 -9.31 -6.04 7.69
CA ALA A 249 -10.53 -6.13 6.89
C ALA A 249 -11.73 -6.23 7.83
N GLN A 250 -12.88 -5.67 7.44
CA GLN A 250 -14.08 -5.57 8.30
C GLN A 250 -15.29 -5.89 7.47
N ASP A 251 -16.13 -6.77 7.98
CA ASP A 251 -17.48 -7.09 7.43
C ASP A 251 -18.38 -5.90 7.71
N PRO A 252 -18.93 -5.22 6.69
CA PRO A 252 -19.75 -4.04 6.93
C PRO A 252 -20.95 -4.27 7.88
N ASN A 253 -21.81 -5.26 7.61
CA ASN A 253 -23.11 -5.34 8.34
C ASN A 253 -22.96 -6.40 9.44
N GLU A 254 -21.74 -6.48 9.98
CA GLU A 254 -21.37 -7.00 11.32
C GLU A 254 -20.52 -5.96 12.04
N ALA A 255 -20.59 -4.68 11.62
CA ALA A 255 -19.77 -3.58 12.18
C ALA A 255 -19.98 -3.57 13.69
N GLN A 256 -21.23 -3.32 14.06
CA GLN A 256 -21.83 -3.68 15.36
C GLN A 256 -23.23 -4.19 15.02
N SER A 257 -24.09 -4.32 16.03
CA SER A 257 -25.48 -4.82 15.88
C SER A 257 -26.46 -3.65 15.62
N ALA A 258 -25.96 -2.41 15.40
CA ALA A 258 -26.74 -1.29 14.78
C ALA A 258 -26.89 -1.59 13.26
N PHE A 259 -25.89 -2.23 12.62
CA PHE A 259 -25.90 -2.56 11.15
C PHE A 259 -26.61 -3.90 10.85
N ARG A 260 -26.82 -4.79 11.83
CA ARG A 260 -27.49 -6.12 11.67
C ARG A 260 -29.03 -6.01 11.61
N ILE A 261 -29.63 -6.52 10.51
CA ILE A 261 -31.06 -6.35 10.13
C ILE A 261 -31.53 -7.51 9.21
N ALA A 262 -32.53 -8.27 9.64
CA ALA A 262 -33.40 -9.08 8.76
C ALA A 262 -34.86 -8.78 9.17
#